data_2ZJD
#
_entry.id   2ZJD
#
_cell.length_a   45.559
_cell.length_b   39.592
_cell.length_c   78.011
_cell.angle_alpha   90.00
_cell.angle_beta   93.30
_cell.angle_gamma   90.00
#
_symmetry.space_group_name_H-M   'P 1 21 1'
#
loop_
_entity.id
_entity.type
_entity.pdbx_description
1 polymer 'Microtubule-associated proteins 1A/1B light chain 3B precursor'
2 polymer 'undecameric peptide from Sequestosome-1'
3 water water
#
loop_
_entity_poly.entity_id
_entity_poly.type
_entity_poly.pdbx_seq_one_letter_code
_entity_poly.pdbx_strand_id
1 'polypeptide(L)'
;GPLGSMPSEKTFKQRRTFEQRVEDVRLIREQHPTKIPVIIERYKGEKQLPVLDKTKFLVPDHVNMSELIKIIRRRLQLNA
NQAFFLLVNGHSMVSVSTPISEVYESEKDEDGFLYMVYASQETFGMKLSV
;
A,C
2 'polypeptide(L)' SGGDDDWTHLS B,D
#
# COMPACT_ATOMS: atom_id res chain seq x y z
N PRO A 7 -24.87 8.49 -1.04
CA PRO A 7 -24.68 9.39 -2.18
C PRO A 7 -23.23 9.81 -2.39
N SER A 8 -22.85 10.04 -3.65
CA SER A 8 -21.53 10.54 -3.99
C SER A 8 -21.61 11.43 -5.24
N GLU A 9 -20.74 12.45 -5.30
CA GLU A 9 -20.63 13.32 -6.49
C GLU A 9 -20.26 12.47 -7.69
N LYS A 10 -20.68 12.91 -8.89
CA LYS A 10 -20.31 12.24 -10.13
C LYS A 10 -18.79 12.18 -10.27
N THR A 11 -18.31 11.00 -10.62
CA THR A 11 -16.92 10.77 -10.92
C THR A 11 -16.60 11.30 -12.33
N PHE A 12 -15.32 11.30 -12.69
CA PHE A 12 -14.91 11.76 -14.01
C PHE A 12 -15.60 10.93 -15.10
N LYS A 13 -15.63 9.60 -14.93
CA LYS A 13 -16.35 8.73 -15.88
C LYS A 13 -17.83 9.06 -16.02
N GLN A 14 -18.43 9.54 -14.94
CA GLN A 14 -19.85 9.94 -14.97
C GLN A 14 -20.06 11.33 -15.57
N ARG A 15 -18.99 12.10 -15.73
CA ARG A 15 -19.07 13.44 -16.30
C ARG A 15 -18.65 13.51 -17.77
N ARG A 16 -17.98 12.46 -18.25
CA ARG A 16 -17.40 12.49 -19.58
C ARG A 16 -17.60 11.12 -20.22
N THR A 17 -18.13 11.12 -21.44
CA THR A 17 -18.45 9.84 -22.06
C THR A 17 -17.18 9.08 -22.43
N PHE A 18 -17.32 7.77 -22.59
CA PHE A 18 -16.22 6.91 -22.97
C PHE A 18 -15.55 7.44 -24.24
N GLU A 19 -16.37 7.80 -25.22
CA GLU A 19 -15.88 8.29 -26.49
C GLU A 19 -15.08 9.59 -26.32
N GLN A 20 -15.58 10.49 -25.46
CA GLN A 20 -14.85 11.73 -25.14
C GLN A 20 -13.52 11.44 -24.44
N ARG A 21 -13.54 10.47 -23.53
CA ARG A 21 -12.34 10.11 -22.78
C ARG A 21 -11.28 9.50 -23.70
N VAL A 22 -11.72 8.59 -24.58
CA VAL A 22 -10.81 7.98 -25.54
C VAL A 22 -10.16 9.06 -26.42
N GLU A 23 -10.96 10.01 -26.90
CA GLU A 23 -10.42 11.11 -27.71
C GLU A 23 -9.46 12.02 -26.95
N ASP A 24 -9.79 12.33 -25.68
CA ASP A 24 -8.86 13.09 -24.82
C ASP A 24 -7.48 12.44 -24.82
N VAL A 25 -7.46 11.12 -24.58
CA VAL A 25 -6.20 10.41 -24.46
C VAL A 25 -5.49 10.32 -25.81
N ARG A 26 -6.25 10.03 -26.87
CA ARG A 26 -5.63 9.95 -28.19
C ARG A 26 -4.87 11.23 -28.50
N LEU A 27 -5.50 12.37 -28.24
CA LEU A 27 -4.88 13.65 -28.50
C LEU A 27 -3.67 13.88 -27.61
N ILE A 28 -3.80 13.57 -26.32
CA ILE A 28 -2.73 13.92 -25.39
C ILE A 28 -1.49 12.99 -25.54
N ARG A 29 -1.71 11.78 -26.04
CA ARG A 29 -0.58 10.88 -26.32
C ARG A 29 0.23 11.37 -27.52
N GLU A 30 -0.44 11.99 -28.49
CA GLU A 30 0.29 12.62 -29.60
C GLU A 30 1.05 13.86 -29.14
N GLN A 31 0.44 14.68 -28.28
CA GLN A 31 1.06 15.93 -27.86
C GLN A 31 2.18 15.73 -26.81
N HIS A 32 1.94 14.81 -25.88
CA HIS A 32 2.86 14.57 -24.79
C HIS A 32 3.15 13.08 -24.63
N PRO A 33 3.86 12.51 -25.61
CA PRO A 33 4.03 11.05 -25.62
C PRO A 33 4.94 10.50 -24.55
N THR A 34 5.61 11.36 -23.77
CA THR A 34 6.48 10.86 -22.71
C THR A 34 5.82 11.05 -21.35
N LYS A 35 4.54 11.45 -21.36
CA LYS A 35 3.83 11.63 -20.09
C LYS A 35 2.63 10.71 -20.00
N ILE A 36 2.35 10.25 -18.79
CA ILE A 36 1.21 9.34 -18.54
C ILE A 36 -0.03 10.15 -18.18
N PRO A 37 -1.19 9.92 -18.85
CA PRO A 37 -2.45 10.59 -18.49
C PRO A 37 -3.08 9.88 -17.32
N VAL A 38 -3.27 10.64 -16.24
CA VAL A 38 -3.76 10.07 -14.98
C VAL A 38 -5.00 10.83 -14.52
N ILE A 39 -6.00 10.08 -14.02
CA ILE A 39 -7.15 10.66 -13.33
C ILE A 39 -6.95 10.39 -11.86
N ILE A 40 -6.92 11.45 -11.04
CA ILE A 40 -6.70 11.26 -9.61
C ILE A 40 -7.93 11.80 -8.89
N GLU A 41 -8.57 10.93 -8.10
CA GLU A 41 -9.83 11.27 -7.44
C GLU A 41 -9.81 10.80 -6.00
N ARG A 42 -10.64 11.42 -5.18
CA ARG A 42 -10.79 10.96 -3.80
C ARG A 42 -11.63 9.69 -3.76
N TYR A 43 -11.19 8.71 -2.97
CA TYR A 43 -11.93 7.46 -2.78
C TYR A 43 -13.37 7.76 -2.36
N LYS A 44 -14.29 6.98 -2.91
CA LYS A 44 -15.71 7.07 -2.56
C LYS A 44 -15.89 6.93 -1.05
N GLY A 45 -16.58 7.89 -0.45
CA GLY A 45 -16.79 7.84 1.00
C GLY A 45 -15.64 8.29 1.90
N GLU A 46 -14.46 8.53 1.34
CA GLU A 46 -13.39 9.22 2.10
C GLU A 46 -13.83 10.65 2.37
N LYS A 47 -13.87 11.03 3.65
CA LYS A 47 -14.32 12.36 4.03
C LYS A 47 -13.27 13.18 4.77
N GLN A 48 -12.21 12.54 5.27
CA GLN A 48 -11.13 13.27 5.95
C GLN A 48 -10.27 14.06 4.96
N LEU A 49 -9.64 13.33 4.03
CA LEU A 49 -8.71 13.94 3.07
C LEU A 49 -9.48 14.86 2.14
N PRO A 50 -8.85 15.97 1.73
CA PRO A 50 -9.55 16.93 0.90
C PRO A 50 -9.72 16.46 -0.54
N VAL A 51 -10.61 17.14 -1.26
CA VAL A 51 -10.76 16.96 -2.69
C VAL A 51 -9.66 17.73 -3.41
N LEU A 52 -9.09 17.14 -4.46
CA LEU A 52 -8.19 17.88 -5.33
C LEU A 52 -8.95 18.88 -6.18
N ASP A 53 -8.29 19.99 -6.49
CA ASP A 53 -8.89 21.02 -7.33
C ASP A 53 -9.07 20.57 -8.79
N LYS A 54 -8.22 19.65 -9.23
CA LYS A 54 -8.22 19.21 -10.62
C LYS A 54 -8.34 17.69 -10.67
N THR A 55 -8.58 17.15 -11.89
CA THR A 55 -8.89 15.74 -12.07
C THR A 55 -7.89 15.07 -13.01
N LYS A 56 -7.58 15.73 -14.12
CA LYS A 56 -6.75 15.22 -15.22
C LYS A 56 -5.34 15.73 -15.13
N PHE A 57 -4.40 14.80 -15.05
CA PHE A 57 -3.01 15.15 -14.85
C PHE A 57 -2.13 14.44 -15.85
N LEU A 58 -0.95 15.02 -16.05
CA LEU A 58 0.11 14.38 -16.87
C LEU A 58 1.35 14.20 -16.04
N VAL A 59 1.87 12.98 -16.00
CA VAL A 59 3.03 12.64 -15.16
C VAL A 59 4.17 12.16 -16.03
N PRO A 60 5.39 12.73 -15.90
CA PRO A 60 6.52 12.20 -16.70
C PRO A 60 6.65 10.70 -16.53
N ASP A 61 6.85 9.99 -17.63
CA ASP A 61 6.74 8.55 -17.61
C ASP A 61 7.92 7.78 -17.02
N HIS A 62 8.93 8.50 -16.52
CA HIS A 62 10.13 7.87 -15.95
C HIS A 62 10.10 7.82 -14.43
N VAL A 63 9.12 8.50 -13.82
CA VAL A 63 9.09 8.53 -12.36
C VAL A 63 8.56 7.21 -11.82
N ASN A 64 8.86 6.93 -10.56
CA ASN A 64 8.25 5.77 -9.93
C ASN A 64 7.06 6.18 -9.10
N MET A 65 6.31 5.19 -8.63
CA MET A 65 5.11 5.49 -7.87
C MET A 65 5.38 6.28 -6.59
N SER A 66 6.53 6.05 -5.96
CA SER A 66 6.94 6.83 -4.79
C SER A 66 6.93 8.33 -5.09
N GLU A 67 7.49 8.72 -6.25
CA GLU A 67 7.53 10.14 -6.65
C GLU A 67 6.12 10.70 -6.85
N LEU A 68 5.25 9.95 -7.51
CA LEU A 68 3.88 10.42 -7.73
C LEU A 68 3.13 10.58 -6.41
N ILE A 69 3.35 9.62 -5.51
CA ILE A 69 2.74 9.72 -4.18
C ILE A 69 3.22 10.99 -3.46
N LYS A 70 4.51 11.29 -3.55
CA LYS A 70 5.06 12.53 -2.96
C LYS A 70 4.37 13.75 -3.55
N ILE A 71 4.22 13.76 -4.86
CA ILE A 71 3.57 14.91 -5.52
C ILE A 71 2.12 15.08 -5.07
N ILE A 72 1.39 13.96 -4.97
CA ILE A 72 -0.02 14.05 -4.60
C ILE A 72 -0.15 14.49 -3.13
N ARG A 73 0.64 13.91 -2.23
CA ARG A 73 0.63 14.31 -0.84
C ARG A 73 0.85 15.83 -0.72
N ARG A 74 1.82 16.34 -1.49
CA ARG A 74 2.15 17.76 -1.45
C ARG A 74 0.97 18.59 -1.94
N ARG A 75 0.36 18.16 -3.04
CA ARG A 75 -0.74 18.94 -3.63
C ARG A 75 -1.99 18.96 -2.77
N LEU A 76 -2.22 17.87 -2.05
CA LEU A 76 -3.32 17.77 -1.09
C LEU A 76 -3.04 18.53 0.19
N GLN A 77 -1.78 18.89 0.39
CA GLN A 77 -1.30 19.67 1.57
C GLN A 77 -1.49 18.90 2.86
N LEU A 78 -1.17 17.61 2.80
CA LEU A 78 -1.33 16.76 3.98
C LEU A 78 -0.27 17.07 5.04
N ASN A 79 -0.62 16.80 6.29
CA ASN A 79 0.42 16.75 7.32
C ASN A 79 1.32 15.52 7.13
N ALA A 80 2.58 15.63 7.53
CA ALA A 80 3.56 14.61 7.21
C ALA A 80 3.20 13.25 7.82
N ASN A 81 2.46 13.28 8.92
CA ASN A 81 2.08 12.07 9.63
C ASN A 81 0.65 11.62 9.34
N GLN A 82 0.04 12.22 8.31
CA GLN A 82 -1.28 11.86 7.81
C GLN A 82 -1.01 10.78 6.79
N ALA A 83 -1.38 9.53 7.09
CA ALA A 83 -1.11 8.43 6.17
C ALA A 83 -2.21 8.28 5.13
N PHE A 84 -1.84 7.90 3.90
CA PHE A 84 -2.85 7.60 2.89
C PHE A 84 -2.41 6.51 1.93
N PHE A 85 -3.38 6.04 1.14
CA PHE A 85 -3.21 4.93 0.22
C PHE A 85 -3.60 5.39 -1.16
N LEU A 86 -2.86 4.95 -2.15
CA LEU A 86 -3.18 5.28 -3.54
C LEU A 86 -3.52 3.96 -4.23
N LEU A 87 -4.74 3.86 -4.76
CA LEU A 87 -5.20 2.61 -5.34
C LEU A 87 -5.51 2.84 -6.80
N VAL A 88 -5.01 1.95 -7.64
CA VAL A 88 -5.13 2.11 -9.10
C VAL A 88 -6.16 1.17 -9.73
N ASN A 89 -6.77 1.60 -10.83
CA ASN A 89 -7.65 0.73 -11.63
C ASN A 89 -8.77 0.01 -10.85
N GLY A 90 -9.51 0.65 -9.92
CA GLY A 90 -9.07 1.60 -8.90
C GLY A 90 -9.33 0.97 -7.52
N HIS A 91 -8.84 -0.27 -7.30
CA HIS A 91 -8.77 -0.95 -5.99
C HIS A 91 -7.40 -1.65 -5.76
N SER A 92 -6.53 -1.53 -6.74
CA SER A 92 -5.25 -2.24 -6.73
C SER A 92 -4.13 -1.44 -6.08
N MET A 93 -3.41 -2.10 -5.18
CA MET A 93 -2.22 -1.49 -4.62
C MET A 93 -1.04 -1.61 -5.56
N VAL A 94 -0.14 -0.62 -5.48
CA VAL A 94 1.07 -0.59 -6.30
C VAL A 94 2.28 -0.45 -5.40
N SER A 95 3.37 -1.11 -5.77
CA SER A 95 4.63 -0.89 -5.04
C SER A 95 5.22 0.47 -5.39
N VAL A 96 5.72 1.15 -4.37
CA VAL A 96 6.26 2.50 -4.54
C VAL A 96 7.48 2.53 -5.47
N SER A 97 8.15 1.40 -5.64
CA SER A 97 9.33 1.30 -6.50
C SER A 97 8.99 1.08 -7.97
N THR A 98 7.72 0.86 -8.27
CA THR A 98 7.32 0.52 -9.63
C THR A 98 7.34 1.73 -10.55
N PRO A 99 8.05 1.64 -11.67
CA PRO A 99 8.03 2.73 -12.64
C PRO A 99 6.62 3.04 -13.13
N ILE A 100 6.27 4.32 -13.28
CA ILE A 100 4.91 4.64 -13.72
C ILE A 100 4.55 4.10 -15.12
N SER A 101 5.53 3.99 -16.03
CA SER A 101 5.19 3.42 -17.32
C SER A 101 4.78 1.96 -17.17
N GLU A 102 5.34 1.26 -16.19
CA GLU A 102 4.92 -0.13 -15.92
C GLU A 102 3.50 -0.19 -15.37
N VAL A 103 3.19 0.67 -14.41
CA VAL A 103 1.82 0.74 -13.90
C VAL A 103 0.84 1.09 -15.02
N TYR A 104 1.19 2.06 -15.86
CA TYR A 104 0.34 2.46 -16.95
C TYR A 104 0.02 1.29 -17.88
N GLU A 105 1.05 0.59 -18.31
CA GLU A 105 0.84 -0.43 -19.30
C GLU A 105 0.14 -1.65 -18.74
N SER A 106 0.17 -1.82 -17.42
CA SER A 106 -0.48 -2.97 -16.80
C SER A 106 -1.89 -2.66 -16.28
N GLU A 107 -2.13 -1.40 -15.92
CA GLU A 107 -3.35 -1.04 -15.20
C GLU A 107 -4.19 0.06 -15.84
N LYS A 108 -3.80 0.55 -17.01
CA LYS A 108 -4.61 1.57 -17.66
C LYS A 108 -6.02 1.07 -17.97
N ASP A 109 -6.99 2.01 -17.90
CA ASP A 109 -8.34 1.75 -18.30
C ASP A 109 -8.44 1.53 -19.79
N GLU A 110 -9.56 0.95 -20.20
CA GLU A 110 -9.86 0.81 -21.61
C GLU A 110 -9.90 2.13 -22.35
N ASP A 111 -10.18 3.23 -21.64
CA ASP A 111 -10.19 4.53 -22.30
C ASP A 111 -8.77 5.13 -22.49
N GLY A 112 -7.75 4.51 -21.92
CA GLY A 112 -6.37 4.97 -22.02
C GLY A 112 -5.89 5.83 -20.85
N PHE A 113 -6.80 6.24 -19.97
CA PHE A 113 -6.38 6.89 -18.72
C PHE A 113 -5.91 5.87 -17.68
N LEU A 114 -4.98 6.26 -16.82
CA LEU A 114 -4.69 5.50 -15.59
C LEU A 114 -5.51 6.16 -14.49
N TYR A 115 -6.42 5.40 -13.89
CA TYR A 115 -7.26 5.89 -12.79
C TYR A 115 -6.69 5.59 -11.43
N MET A 116 -6.70 6.58 -10.55
CA MET A 116 -6.24 6.37 -9.18
C MET A 116 -7.18 7.06 -8.22
N VAL A 117 -7.37 6.42 -7.07
CA VAL A 117 -8.09 7.07 -5.97
C VAL A 117 -7.23 7.04 -4.71
N TYR A 118 -7.47 8.01 -3.82
CA TYR A 118 -6.70 8.06 -2.57
C TYR A 118 -7.65 8.02 -1.39
N ALA A 119 -7.19 7.34 -0.34
CA ALA A 119 -7.99 7.12 0.86
C ALA A 119 -7.08 7.23 2.07
N SER A 120 -7.63 7.58 3.22
CA SER A 120 -6.80 7.68 4.41
C SER A 120 -6.58 6.29 4.98
N GLN A 121 -5.51 6.16 5.77
CA GLN A 121 -5.21 4.96 6.55
C GLN A 121 -6.37 4.61 7.45
N GLU A 122 -7.02 5.64 8.03
CA GLU A 122 -8.19 5.48 8.90
C GLU A 122 -9.34 4.84 8.14
N THR A 123 -9.74 5.46 7.02
CA THR A 123 -10.76 4.95 6.12
C THR A 123 -10.43 3.52 5.67
N PHE A 124 -9.17 3.32 5.31
CA PHE A 124 -8.68 2.02 4.88
C PHE A 124 -8.70 0.98 6.01
N GLY A 125 -8.42 1.43 7.23
CA GLY A 125 -8.27 0.54 8.39
C GLY A 125 -9.53 -0.11 8.91
N MET A 126 -10.56 0.70 9.12
CA MET A 126 -11.86 0.19 9.61
C MET A 126 -12.62 -0.58 8.51
N LYS A 127 -12.25 -0.32 7.26
CA LYS A 127 -12.87 -0.97 6.10
C LYS A 127 -12.66 -2.49 6.15
N GLY B 2 -14.40 25.34 -18.30
CA GLY B 2 -13.36 25.09 -17.25
C GLY B 2 -13.61 23.79 -16.51
N GLY B 3 -12.51 23.15 -16.10
CA GLY B 3 -12.59 21.90 -15.33
C GLY B 3 -12.07 20.70 -16.08
N ASP B 4 -13.00 19.86 -16.54
CA ASP B 4 -12.66 18.56 -17.14
C ASP B 4 -11.97 18.67 -18.49
N ASP B 5 -11.94 19.87 -19.07
CA ASP B 5 -11.27 20.08 -20.34
C ASP B 5 -9.77 20.36 -20.21
N ASP B 6 -9.32 20.72 -19.00
CA ASP B 6 -7.95 21.21 -18.74
C ASP B 6 -7.03 20.13 -18.17
N TRP B 7 -5.78 20.07 -18.68
CA TRP B 7 -4.73 19.16 -18.19
C TRP B 7 -3.77 19.90 -17.30
N THR B 8 -3.34 19.24 -16.23
CA THR B 8 -2.35 19.80 -15.32
C THR B 8 -1.10 18.91 -15.36
N HIS B 9 0.04 19.49 -15.75
CA HIS B 9 1.33 18.77 -15.75
C HIS B 9 1.91 18.79 -14.36
N LEU B 10 2.30 17.62 -13.88
CA LEU B 10 2.87 17.45 -12.53
C LEU B 10 4.38 17.23 -12.50
N SER B 11 4.97 17.60 -11.37
CA SER B 11 6.36 17.25 -10.98
C SER B 11 6.54 17.47 -9.47
N MET C 6 -14.16 -17.02 3.54
CA MET C 6 -14.84 -16.61 4.81
C MET C 6 -14.20 -17.26 6.06
N PRO C 7 -14.30 -18.60 6.20
CA PRO C 7 -13.60 -19.15 7.36
C PRO C 7 -12.09 -19.17 7.13
N SER C 8 -11.33 -19.07 8.22
CA SER C 8 -9.87 -19.09 8.14
C SER C 8 -9.25 -19.77 9.37
N GLU C 9 -8.04 -20.29 9.17
CA GLU C 9 -7.25 -20.98 10.18
C GLU C 9 -6.96 -20.07 11.39
N LYS C 10 -6.79 -20.68 12.57
CA LYS C 10 -6.50 -19.89 13.78
C LYS C 10 -5.23 -19.06 13.62
N THR C 11 -5.30 -17.81 14.03
CA THR C 11 -4.15 -16.92 14.01
C THR C 11 -3.29 -17.14 15.24
N PHE C 12 -2.10 -16.53 15.24
CA PHE C 12 -1.23 -16.59 16.41
C PHE C 12 -1.96 -16.12 17.69
N LYS C 13 -2.67 -15.01 17.62
CA LYS C 13 -3.44 -14.53 18.78
C LYS C 13 -4.51 -15.51 19.26
N GLN C 14 -5.05 -16.29 18.33
CA GLN C 14 -6.08 -17.29 18.67
C GLN C 14 -5.48 -18.56 19.27
N ARG C 15 -4.19 -18.78 19.00
CA ARG C 15 -3.48 -19.97 19.45
C ARG C 15 -2.79 -19.78 20.79
N ARG C 16 -2.51 -18.54 21.18
CA ARG C 16 -2.05 -18.32 22.55
C ARG C 16 -2.54 -17.06 23.19
N THR C 17 -2.70 -17.13 24.51
CA THR C 17 -3.42 -16.10 25.22
C THR C 17 -2.59 -14.83 25.33
N PHE C 18 -3.28 -13.73 25.62
CA PHE C 18 -2.64 -12.44 25.86
C PHE C 18 -1.53 -12.54 26.90
N GLU C 19 -1.83 -13.20 28.03
CA GLU C 19 -0.84 -13.38 29.08
C GLU C 19 0.38 -14.17 28.62
N GLN C 20 0.18 -15.23 27.85
CA GLN C 20 1.30 -16.00 27.28
C GLN C 20 2.14 -15.16 26.34
N ARG C 21 1.47 -14.34 25.52
CA ARG C 21 2.15 -13.50 24.55
C ARG C 21 2.94 -12.41 25.22
N VAL C 22 2.36 -11.77 26.23
CA VAL C 22 3.07 -10.79 27.05
C VAL C 22 4.36 -11.36 27.64
N GLU C 23 4.30 -12.57 28.19
CA GLU C 23 5.48 -13.23 28.77
C GLU C 23 6.51 -13.62 27.72
N ASP C 24 6.04 -14.11 26.56
CA ASP C 24 6.92 -14.41 25.42
C ASP C 24 7.77 -13.16 25.13
N VAL C 25 7.13 -12.00 25.06
CA VAL C 25 7.85 -10.77 24.68
C VAL C 25 8.75 -10.28 25.80
N ARG C 26 8.28 -10.33 27.04
CA ARG C 26 9.12 -9.89 28.15
C ARG C 26 10.45 -10.66 28.12
N LEU C 27 10.36 -11.97 27.93
CA LEU C 27 11.55 -12.81 27.92
C LEU C 27 12.42 -12.51 26.70
N ILE C 28 11.80 -12.34 25.54
CA ILE C 28 12.58 -12.16 24.32
C ILE C 28 13.24 -10.77 24.23
N ARG C 29 12.61 -9.77 24.87
CA ARG C 29 13.25 -8.45 24.97
C ARG C 29 14.48 -8.48 25.86
N GLU C 30 14.45 -9.35 26.88
CA GLU C 30 15.62 -9.51 27.74
C GLU C 30 16.75 -10.26 27.02
N GLN C 31 16.36 -11.30 26.28
CA GLN C 31 17.31 -12.19 25.63
C GLN C 31 17.92 -11.63 24.34
N HIS C 32 17.09 -10.90 23.58
CA HIS C 32 17.50 -10.34 22.32
C HIS C 32 17.06 -8.88 22.22
N PRO C 33 17.66 -8.02 23.05
CA PRO C 33 17.16 -6.64 23.17
C PRO C 33 17.41 -5.76 21.97
N THR C 34 18.21 -6.22 21.01
CA THR C 34 18.46 -5.44 19.82
C THR C 34 17.62 -5.90 18.61
N LYS C 35 16.75 -6.87 18.84
CA LYS C 35 15.90 -7.40 17.78
C LYS C 35 14.44 -7.16 18.09
N ILE C 36 13.66 -6.98 17.05
CA ILE C 36 12.21 -6.77 17.19
C ILE C 36 11.44 -8.08 17.04
N PRO C 37 10.55 -8.39 17.98
CA PRO C 37 9.69 -9.61 17.86
C PRO C 37 8.51 -9.35 16.93
N VAL C 38 8.46 -10.08 15.81
CA VAL C 38 7.44 -9.81 14.77
C VAL C 38 6.65 -11.08 14.47
N ILE C 39 5.33 -10.93 14.41
CA ILE C 39 4.44 -12.00 13.97
C ILE C 39 4.08 -11.70 12.53
N ILE C 40 4.36 -12.62 11.62
CA ILE C 40 4.10 -12.37 10.20
C ILE C 40 3.22 -13.49 9.69
N GLU C 41 2.04 -13.13 9.19
CA GLU C 41 1.01 -14.12 8.79
C GLU C 41 0.38 -13.71 7.48
N ARG C 42 -0.06 -14.68 6.68
CA ARG C 42 -0.80 -14.35 5.45
C ARG C 42 -2.18 -13.77 5.84
N TYR C 43 -2.56 -12.68 5.20
CA TYR C 43 -3.88 -12.09 5.40
C TYR C 43 -4.97 -13.14 5.18
N LYS C 44 -6.01 -13.06 6.01
CA LYS C 44 -7.06 -14.08 6.03
C LYS C 44 -7.77 -14.25 4.68
N GLY C 45 -7.84 -13.17 3.89
CA GLY C 45 -8.46 -13.27 2.57
C GLY C 45 -7.54 -13.57 1.40
N GLU C 46 -6.26 -13.84 1.67
CA GLU C 46 -5.29 -14.00 0.61
C GLU C 46 -5.12 -15.45 0.20
N LYS C 47 -5.21 -15.69 -1.11
CA LYS C 47 -5.01 -17.03 -1.66
C LYS C 47 -3.89 -17.12 -2.72
N GLN C 48 -3.59 -15.99 -3.39
CA GLN C 48 -2.54 -15.99 -4.41
C GLN C 48 -1.14 -16.21 -3.86
N LEU C 49 -0.80 -15.54 -2.77
CA LEU C 49 0.50 -15.74 -2.14
C LEU C 49 0.49 -17.01 -1.27
N PRO C 50 1.65 -17.68 -1.17
CA PRO C 50 1.71 -18.87 -0.31
C PRO C 50 1.78 -18.54 1.18
N VAL C 51 1.54 -19.56 2.00
CA VAL C 51 1.68 -19.47 3.44
C VAL C 51 3.16 -19.54 3.81
N LEU C 52 3.54 -18.70 4.78
CA LEU C 52 4.89 -18.66 5.32
C LEU C 52 5.10 -19.85 6.25
N ASP C 53 6.33 -20.38 6.24
CA ASP C 53 6.63 -21.62 6.97
C ASP C 53 6.76 -21.45 8.48
N LYS C 54 6.99 -20.21 8.94
CA LYS C 54 7.04 -19.92 10.36
C LYS C 54 6.20 -18.68 10.61
N THR C 55 5.97 -18.39 11.89
CA THR C 55 5.09 -17.29 12.34
C THR C 55 5.82 -16.22 13.17
N LYS C 56 6.71 -16.67 14.05
CA LYS C 56 7.39 -15.81 15.04
C LYS C 56 8.82 -15.51 14.64
N PHE C 57 9.13 -14.23 14.45
CA PHE C 57 10.42 -13.85 13.90
C PHE C 57 11.09 -12.82 14.77
N LEU C 58 12.42 -12.81 14.72
CA LEU C 58 13.23 -11.73 15.33
C LEU C 58 13.98 -11.01 14.25
N VAL C 59 13.84 -9.69 14.20
CA VAL C 59 14.43 -8.87 13.15
C VAL C 59 15.38 -7.85 13.77
N PRO C 60 16.67 -7.84 13.36
CA PRO C 60 17.59 -6.83 13.90
C PRO C 60 16.96 -5.46 13.78
N ASP C 61 17.02 -4.67 14.85
CA ASP C 61 16.19 -3.46 14.89
C ASP C 61 16.57 -2.29 13.98
N HIS C 62 17.70 -2.41 13.28
CA HIS C 62 18.13 -1.38 12.35
C HIS C 62 17.69 -1.66 10.90
N VAL C 63 17.17 -2.87 10.67
CA VAL C 63 16.69 -3.26 9.35
C VAL C 63 15.49 -2.41 8.94
N ASN C 64 15.47 -1.89 7.71
CA ASN C 64 14.30 -1.12 7.28
C ASN C 64 13.25 -2.01 6.65
N MET C 65 12.06 -1.45 6.47
CA MET C 65 10.93 -2.24 5.97
C MET C 65 11.20 -2.79 4.58
N SER C 66 11.88 -2.02 3.74
CA SER C 66 12.22 -2.52 2.39
C SER C 66 13.05 -3.79 2.47
N GLU C 67 14.00 -3.85 3.40
CA GLU C 67 14.85 -5.03 3.57
C GLU C 67 14.06 -6.20 4.13
N LEU C 68 13.19 -5.94 5.11
CA LEU C 68 12.33 -7.01 5.63
C LEU C 68 11.46 -7.58 4.50
N ILE C 69 10.93 -6.70 3.66
CA ILE C 69 10.11 -7.13 2.54
C ILE C 69 10.93 -8.08 1.66
N LYS C 70 12.16 -7.67 1.31
CA LYS C 70 13.04 -8.53 0.50
C LYS C 70 13.25 -9.90 1.15
N ILE C 71 13.49 -9.93 2.47
CA ILE C 71 13.68 -11.18 3.19
C ILE C 71 12.45 -12.10 3.13
N ILE C 72 11.26 -11.53 3.35
CA ILE C 72 10.05 -12.35 3.33
C ILE C 72 9.74 -12.85 1.92
N ARG C 73 9.84 -11.96 0.93
CA ARG C 73 9.68 -12.39 -0.49
C ARG C 73 10.61 -13.55 -0.80
N ARG C 74 11.86 -13.47 -0.35
CA ARG C 74 12.84 -14.52 -0.63
C ARG C 74 12.44 -15.83 0.08
N ARG C 75 11.96 -15.73 1.32
CA ARG C 75 11.58 -16.91 2.09
C ARG C 75 10.37 -17.62 1.50
N LEU C 76 9.51 -16.84 0.83
CA LEU C 76 8.33 -17.37 0.14
C LEU C 76 8.64 -17.81 -1.28
N GLN C 77 9.85 -17.52 -1.75
CA GLN C 77 10.31 -17.85 -3.12
C GLN C 77 9.41 -17.23 -4.18
N LEU C 78 9.00 -15.98 -3.97
CA LEU C 78 8.10 -15.32 -4.93
C LEU C 78 8.77 -15.02 -6.27
N ASN C 79 7.99 -15.20 -7.34
CA ASN C 79 8.35 -14.70 -8.65
C ASN C 79 8.66 -13.20 -8.62
N ALA C 80 9.59 -12.79 -9.50
CA ALA C 80 10.06 -11.41 -9.63
C ALA C 80 8.92 -10.39 -9.82
N ASN C 81 7.80 -10.85 -10.38
CA ASN C 81 6.67 -9.99 -10.73
C ASN C 81 5.47 -10.18 -9.82
N GLN C 82 5.57 -11.07 -8.84
CA GLN C 82 4.51 -11.27 -7.86
C GLN C 82 4.42 -10.07 -6.89
N ALA C 83 3.23 -9.46 -6.82
CA ALA C 83 2.97 -8.35 -5.89
C ALA C 83 2.88 -8.84 -4.44
N PHE C 84 3.37 -8.03 -3.52
CA PHE C 84 3.44 -8.41 -2.12
C PHE C 84 3.42 -7.15 -1.27
N PHE C 85 2.47 -7.10 -0.34
CA PHE C 85 2.31 -5.94 0.55
C PHE C 85 2.21 -6.39 1.99
N LEU C 86 2.89 -5.66 2.89
CA LEU C 86 2.84 -5.93 4.32
C LEU C 86 2.03 -4.84 5.01
N LEU C 87 1.03 -5.25 5.76
CA LEU C 87 0.18 -4.34 6.51
C LEU C 87 0.49 -4.56 7.98
N VAL C 88 0.74 -3.46 8.70
CA VAL C 88 1.21 -3.56 10.09
C VAL C 88 0.12 -3.14 11.08
N ASN C 89 -0.02 -3.87 12.18
CA ASN C 89 -0.93 -3.47 13.28
C ASN C 89 -2.38 -3.31 12.77
N GLY C 90 -2.79 -4.17 11.84
CA GLY C 90 -4.17 -4.16 11.29
C GLY C 90 -4.50 -3.04 10.31
N HIS C 91 -3.62 -2.08 10.22
CA HIS C 91 -3.70 -0.99 9.27
C HIS C 91 -2.26 -0.73 8.90
N SER C 92 -1.91 0.52 8.69
CA SER C 92 -0.56 0.95 8.43
C SER C 92 0.17 0.21 7.34
N MET C 93 0.32 0.91 6.22
CA MET C 93 1.31 0.56 5.25
C MET C 93 2.40 1.60 5.40
N VAL C 94 3.44 1.21 6.13
CA VAL C 94 4.48 2.15 6.55
C VAL C 94 5.46 2.37 5.41
N SER C 95 6.21 3.46 5.49
CA SER C 95 7.22 3.75 4.47
C SER C 95 8.32 2.68 4.45
N VAL C 96 8.72 2.29 3.25
CA VAL C 96 9.73 1.24 3.10
C VAL C 96 11.12 1.62 3.62
N SER C 97 11.37 2.91 3.80
CA SER C 97 12.66 3.38 4.30
C SER C 97 12.68 3.46 5.83
N THR C 98 11.54 3.20 6.45
CA THR C 98 11.38 3.30 7.92
C THR C 98 12.14 2.14 8.58
N PRO C 99 13.03 2.44 9.57
CA PRO C 99 13.69 1.35 10.27
C PRO C 99 12.69 0.62 11.16
N ILE C 100 12.89 -0.69 11.32
CA ILE C 100 11.92 -1.46 12.07
C ILE C 100 11.82 -1.04 13.55
N SER C 101 12.87 -0.42 14.10
CA SER C 101 12.72 0.06 15.48
C SER C 101 11.66 1.15 15.57
N GLU C 102 11.57 1.99 14.54
CA GLU C 102 10.55 3.03 14.50
C GLU C 102 9.16 2.42 14.38
N VAL C 103 9.03 1.46 13.46
CA VAL C 103 7.74 0.77 13.29
C VAL C 103 7.29 0.09 14.58
N TYR C 104 8.23 -0.57 15.26
CA TYR C 104 7.94 -1.21 16.51
C TYR C 104 7.40 -0.20 17.53
N GLU C 105 8.09 0.92 17.67
CA GLU C 105 7.68 1.86 18.71
C GLU C 105 6.36 2.57 18.41
N SER C 106 6.03 2.67 17.13
CA SER C 106 4.81 3.33 16.64
C SER C 106 3.61 2.39 16.56
N GLU C 107 3.87 1.11 16.26
CA GLU C 107 2.83 0.20 15.83
C GLU C 107 2.76 -1.13 16.61
N LYS C 108 3.60 -1.30 17.62
CA LYS C 108 3.52 -2.54 18.40
C LYS C 108 2.13 -2.75 19.05
N ASP C 109 1.74 -4.02 19.13
CA ASP C 109 0.53 -4.42 19.79
C ASP C 109 0.63 -4.20 21.30
N GLU C 110 -0.51 -4.18 21.97
CA GLU C 110 -0.51 -4.14 23.43
C GLU C 110 0.23 -5.31 24.08
N ASP C 111 0.34 -6.44 23.39
CA ASP C 111 1.10 -7.56 23.95
C ASP C 111 2.62 -7.44 23.77
N GLY C 112 3.06 -6.44 23.00
CA GLY C 112 4.48 -6.22 22.80
C GLY C 112 5.04 -6.80 21.51
N PHE C 113 4.25 -7.61 20.81
CA PHE C 113 4.62 -8.08 19.47
C PHE C 113 4.31 -7.02 18.44
N LEU C 114 5.04 -7.03 17.35
CA LEU C 114 4.65 -6.26 16.18
C LEU C 114 4.00 -7.24 15.21
N TYR C 115 2.76 -6.97 14.78
CA TYR C 115 1.99 -7.86 13.90
C TYR C 115 1.96 -7.36 12.50
N MET C 116 2.16 -8.28 11.56
CA MET C 116 2.07 -7.96 10.15
C MET C 116 1.29 -9.03 9.41
N VAL C 117 0.50 -8.61 8.44
CA VAL C 117 -0.10 -9.56 7.51
C VAL C 117 0.29 -9.18 6.10
N TYR C 118 0.35 -10.17 5.22
CA TYR C 118 0.70 -9.88 3.84
C TYR C 118 -0.37 -10.31 2.85
N ALA C 119 -0.39 -9.61 1.72
CA ALA C 119 -1.36 -9.87 0.65
C ALA C 119 -0.82 -9.36 -0.68
N SER C 120 -1.49 -9.75 -1.76
CA SER C 120 -1.09 -9.36 -3.10
C SER C 120 -1.83 -8.09 -3.53
N GLN C 121 -1.85 -7.84 -4.84
CA GLN C 121 -2.31 -6.59 -5.44
C GLN C 121 -3.73 -6.13 -5.11
N GLU C 122 -4.69 -7.05 -5.19
CA GLU C 122 -6.10 -6.66 -5.17
C GLU C 122 -6.76 -6.95 -3.84
N THR C 123 -6.13 -7.83 -3.06
CA THR C 123 -6.78 -8.43 -1.90
C THR C 123 -7.30 -7.45 -0.85
N PHE C 124 -6.49 -6.46 -0.47
CA PHE C 124 -6.92 -5.53 0.58
C PHE C 124 -8.03 -4.61 0.08
N GLY C 125 -7.85 -4.10 -1.15
CA GLY C 125 -8.78 -3.16 -1.75
C GLY C 125 -10.19 -3.69 -1.93
N MET C 126 -10.31 -4.99 -2.16
CA MET C 126 -11.62 -5.65 -2.34
C MET C 126 -12.61 -5.38 -1.21
N LYS C 127 -12.11 -4.98 -0.04
CA LYS C 127 -12.94 -4.70 1.12
C LYS C 127 -13.68 -3.35 1.02
N ASP D 5 6.46 -22.21 19.69
CA ASP D 5 7.26 -21.64 20.83
C ASP D 5 8.65 -21.24 20.37
N ASP D 6 8.91 -21.44 19.08
CA ASP D 6 10.25 -21.33 18.49
C ASP D 6 10.40 -20.02 17.70
N TRP D 7 11.52 -19.34 17.89
CA TRP D 7 11.82 -18.07 17.22
C TRP D 7 12.73 -18.26 16.01
N THR D 8 12.42 -17.58 14.92
CA THR D 8 13.23 -17.59 13.71
C THR D 8 13.92 -16.24 13.52
N HIS D 9 15.25 -16.24 13.62
CA HIS D 9 16.01 -15.02 13.43
C HIS D 9 16.21 -14.77 11.94
N LEU D 10 15.93 -13.54 11.50
CA LEU D 10 15.96 -13.22 10.07
C LEU D 10 17.15 -12.36 9.65
N SER D 11 17.58 -12.50 8.39
CA SER D 11 18.49 -11.53 7.73
C SER D 11 18.24 -11.48 6.22
#